data_2O5Y
#
_entry.id   2O5Y
#
_cell.length_a   128.354
_cell.length_b   128.354
_cell.length_c   91.816
_cell.angle_alpha   90.00
_cell.angle_beta   90.00
_cell.angle_gamma   120.00
#
_symmetry.space_group_name_H-M   'P 31 2 1'
#
loop_
_entity.id
_entity.type
_entity.pdbx_description
1 polymer 'chimeric antibody Fab 1E9-DB3'
2 polymer 'chimeric antibody Fab 1E9-DB3'
3 non-polymer 'SULFATE ION'
4 non-polymer PROGESTERONE
5 water water
#
loop_
_entity_poly.entity_id
_entity_poly.type
_entity_poly.pdbx_seq_one_letter_code
_entity_poly.pdbx_strand_id
1 'polypeptide(L)'
;ELVMTQTPLSLPVSLGDQASISCRSSQSLVHSNGNTYLHWYLQKPGQSPKFLIYKVSNRFSGVPDRFSGSGSGTDFILKI
SRVEAEDLGVYFCFQSTHFFPTFGGGTKLEIKRTVAAPSVFIFPPSDEQLKSGTASVVCLLNNFYPREAKVQWKVDNALQ
SGNSQESVTEQDSKDSTYSLSSTLTLSKADYEKHKVYACEVTHQGLSSPVTKSFNRGEC
;
L
2 'polypeptide(L)'
;QVQLVQSGPELKKPGETVKISCKASGYMFTNYGMNWVKQAPGKALKWMGWINPYTGESTFADDFKGRFAFFLETSATTAY
LQINNLKNEDTATYFCARGTTIVWAMDYWGQGTSVTVSSASTKGPSVFPLAPSSKSTSGGTAALGCLVKDYFPEPVTVSW
NSGALTSGVHTFPAVLQSSGLYSLSSVVTVPSSSLGTQTYICNVNHKPSNTKVDKKVEPLSCDKTHT
;
H
#
loop_
_chem_comp.id
_chem_comp.type
_chem_comp.name
_chem_comp.formula
SO4 non-polymer 'SULFATE ION' 'O4 S -2'
STR non-polymer PROGESTERONE 'C21 H30 O2'
#
# COMPACT_ATOMS: atom_id res chain seq x y z
N GLU A 1 29.77 -4.84 -11.73
CA GLU A 1 28.41 -4.49 -11.20
C GLU A 1 28.14 -5.11 -9.80
N LEU A 2 28.04 -4.22 -8.81
CA LEU A 2 27.99 -4.69 -7.45
C LEU A 2 26.63 -5.22 -7.10
N VAL A 3 26.59 -6.07 -6.09
CA VAL A 3 25.34 -6.63 -5.61
C VAL A 3 25.17 -6.15 -4.19
N MET A 4 23.93 -5.89 -3.80
CA MET A 4 23.65 -5.39 -2.49
C MET A 4 22.67 -6.33 -1.86
N THR A 5 23.14 -7.15 -0.94
CA THR A 5 22.34 -8.17 -0.26
C THR A 5 21.81 -7.72 1.10
N GLN A 6 20.53 -7.98 1.37
CA GLN A 6 19.95 -7.78 2.74
C GLN A 6 19.55 -9.07 3.44
N THR A 7 19.77 -9.17 4.74
CA THR A 7 19.27 -10.32 5.51
C THR A 7 18.68 -9.84 6.82
N PRO A 8 17.59 -10.47 7.30
CA PRO A 8 16.79 -11.45 6.52
C PRO A 8 15.92 -10.74 5.50
N LEU A 9 15.09 -11.51 4.79
CA LEU A 9 14.03 -10.93 3.97
C LEU A 9 12.86 -10.54 4.88
N SER A 10 12.80 -11.17 6.04
CA SER A 10 11.65 -11.01 6.89
C SER A 10 12.04 -11.13 8.34
N LEU A 11 11.78 -10.11 9.12
CA LEU A 11 12.33 -10.11 10.44
C LEU A 11 11.22 -9.83 11.44
N PRO A 12 10.71 -10.90 12.08
CA PRO A 12 9.76 -10.68 13.17
C PRO A 12 10.46 -10.27 14.47
N VAL A 13 9.96 -9.22 15.11
CA VAL A 13 10.50 -8.75 16.40
C VAL A 13 9.34 -8.27 17.30
N SER A 14 9.49 -8.43 18.61
CA SER A 14 8.43 -8.01 19.49
C SER A 14 8.69 -6.60 19.94
N LEU A 15 7.70 -5.97 20.57
CA LEU A 15 7.85 -4.56 20.93
C LEU A 15 8.87 -4.46 22.04
N GLY A 16 9.71 -3.44 21.94
CA GLY A 16 10.70 -3.19 22.96
C GLY A 16 11.97 -3.96 22.72
N ASP A 17 11.92 -5.06 21.97
CA ASP A 17 13.13 -5.79 21.61
C ASP A 17 13.94 -5.05 20.55
N GLN A 18 15.15 -5.53 20.28
CA GLN A 18 16.04 -4.89 19.33
C GLN A 18 15.98 -5.64 18.02
N ALA A 19 16.33 -4.97 16.91
CA ALA A 19 16.28 -5.58 15.58
C ALA A 19 17.53 -5.24 14.80
N SER A 20 18.10 -6.24 14.14
CA SER A 20 19.27 -6.04 13.28
C SER A 20 18.99 -6.50 11.88
N ILE A 21 18.85 -5.54 10.96
CA ILE A 21 18.89 -5.84 9.55
C ILE A 21 20.32 -5.64 9.12
N SER A 22 20.86 -6.59 8.37
CA SER A 22 22.21 -6.43 7.84
C SER A 22 22.15 -6.36 6.33
N CYS A 23 23.20 -5.78 5.76
CA CYS A 23 23.27 -5.47 4.35
C CYS A 23 24.72 -5.69 3.97
N ARG A 24 25.02 -6.71 3.17
CA ARG A 24 26.40 -6.98 2.67
C ARG A 24 26.44 -6.40 1.30
N SER A 25 27.61 -6.45 0.69
CA SER A 25 27.85 -5.79 -0.57
C SER A 25 28.99 -6.51 -1.25
N SER A 26 28.93 -6.64 -2.57
CA SER A 26 29.93 -7.42 -3.29
C SER A 26 31.34 -6.81 -3.27
N GLN A 27 31.42 -5.50 -3.01
CA GLN A 27 32.68 -4.74 -3.02
C GLN A 27 32.62 -3.53 -2.09
N SER A 28 33.78 -3.14 -1.55
CA SER A 28 33.83 -2.04 -0.57
C SER A 28 33.03 -0.83 -1.01
N LEU A 29 32.35 -0.20 -0.06
CA LEU A 29 31.58 1.02 -0.34
C LEU A 29 32.31 2.29 0.11
N VAL A 30 33.62 2.16 0.32
CA VAL A 30 34.47 3.31 0.55
C VAL A 30 34.82 3.95 -0.80
N HIS A 31 34.55 5.25 -0.91
CA HIS A 31 34.99 5.98 -2.09
C HIS A 31 36.51 6.27 -1.99
N SER A 32 37.17 6.41 -3.13
CA SER A 32 38.61 6.68 -3.11
C SER A 32 38.86 8.02 -2.42
N ASN A 33 37.81 8.83 -2.31
CA ASN A 33 37.88 10.08 -1.57
C ASN A 33 37.72 9.97 -0.03
N GLY A 34 37.50 8.76 0.50
CA GLY A 34 37.46 8.59 1.95
C GLY A 34 36.11 8.31 2.62
N ASN A 35 35.00 8.60 1.93
CA ASN A 35 33.67 8.42 2.54
C ASN A 35 33.02 7.10 2.22
N THR A 36 32.06 6.72 3.06
CA THR A 36 31.18 5.61 2.72
C THR A 36 29.76 6.13 2.45
N TYR A 37 29.27 5.86 1.25
CA TYR A 37 27.99 6.38 0.85
C TYR A 37 26.93 5.28 0.92
N LEU A 38 26.68 4.81 2.14
CA LEU A 38 25.64 3.81 2.44
C LEU A 38 24.51 4.49 3.20
N HIS A 39 23.28 4.28 2.75
CA HIS A 39 22.11 4.91 3.39
C HIS A 39 20.97 3.93 3.66
N TRP A 40 20.01 4.32 4.50
CA TRP A 40 18.82 3.47 4.70
C TRP A 40 17.55 4.27 4.56
N TYR A 41 16.59 3.67 3.86
CA TYR A 41 15.23 4.14 3.86
C TYR A 41 14.24 3.17 4.48
N LEU A 42 13.15 3.73 5.00
CA LEU A 42 12.04 2.92 5.47
C LEU A 42 10.82 3.22 4.61
N GLN A 43 10.19 2.17 4.09
CA GLN A 43 9.00 2.37 3.33
C GLN A 43 7.82 1.75 4.07
N LYS A 44 6.94 2.57 4.63
CA LYS A 44 5.73 2.06 5.29
C LYS A 44 4.67 1.70 4.25
N PRO A 45 3.83 0.68 4.56
CA PRO A 45 2.74 0.19 3.67
C PRO A 45 2.02 1.32 2.93
N GLY A 46 1.89 1.19 1.61
CA GLY A 46 1.20 2.21 0.82
C GLY A 46 2.01 3.47 0.51
N GLN A 47 2.79 3.95 1.50
CA GLN A 47 3.52 5.22 1.41
C GLN A 47 4.80 5.15 0.59
N SER A 48 5.33 6.33 0.25
CA SER A 48 6.66 6.53 -0.32
C SER A 48 7.70 6.50 0.76
N PRO A 49 8.92 6.03 0.41
CA PRO A 49 10.04 5.89 1.30
C PRO A 49 10.35 7.09 2.15
N LYS A 50 11.00 6.83 3.26
CA LYS A 50 11.44 7.82 4.20
C LYS A 50 12.93 7.69 4.37
N PHE A 51 13.62 8.80 4.31
CA PHE A 51 15.03 8.85 4.60
C PHE A 51 15.34 8.58 6.09
N LEU A 52 16.10 7.50 6.37
CA LEU A 52 16.56 7.19 7.76
C LEU A 52 18.01 7.57 8.11
N ILE A 53 18.98 6.92 7.47
CA ILE A 53 20.37 7.04 7.84
C ILE A 53 21.15 7.45 6.60
N TYR A 54 22.10 8.35 6.72
CA TYR A 54 22.96 8.64 5.56
C TYR A 54 24.40 8.46 5.97
N LYS A 55 25.21 8.14 4.97
CA LYS A 55 26.64 7.87 5.15
C LYS A 55 26.89 7.01 6.38
N VAL A 56 26.27 5.84 6.35
CA VAL A 56 26.55 4.77 7.31
C VAL A 56 25.97 4.94 8.70
N SER A 57 26.25 6.05 9.37
CA SER A 57 25.86 6.12 10.74
C SER A 57 25.18 7.42 11.17
N ASN A 58 24.58 8.16 10.25
CA ASN A 58 23.89 9.39 10.66
C ASN A 58 22.35 9.37 10.58
N ARG A 59 21.68 9.57 11.70
CA ARG A 59 20.25 9.84 11.68
C ARG A 59 19.97 11.10 10.87
N PHE A 60 19.02 11.01 9.96
CA PHE A 60 18.54 12.16 9.23
C PHE A 60 17.67 12.94 10.20
N SER A 61 17.44 14.22 9.98
CA SER A 61 16.63 14.99 10.94
C SER A 61 15.23 14.40 11.16
N GLY A 62 14.77 14.42 12.40
CA GLY A 62 13.44 13.92 12.73
C GLY A 62 13.38 12.43 13.01
N VAL A 63 14.38 11.68 12.52
CA VAL A 63 14.50 10.24 12.76
C VAL A 63 14.84 10.00 14.22
N PRO A 64 13.98 9.25 14.94
CA PRO A 64 14.21 9.04 16.38
C PRO A 64 15.56 8.40 16.71
N ASP A 65 15.89 8.43 17.99
CA ASP A 65 17.22 8.11 18.41
C ASP A 65 17.57 6.60 18.48
N ARG A 66 16.52 5.78 18.55
CA ARG A 66 16.64 4.32 18.66
C ARG A 66 16.99 3.64 17.34
N PHE A 67 16.98 4.38 16.23
CA PHE A 67 17.59 3.89 14.99
C PHE A 67 19.04 4.25 14.99
N SER A 68 19.88 3.27 14.69
CA SER A 68 21.28 3.55 14.41
C SER A 68 21.85 2.55 13.42
N GLY A 69 22.86 3.02 12.70
CA GLY A 69 23.48 2.23 11.65
C GLY A 69 24.94 2.17 11.99
N SER A 70 25.64 1.20 11.40
CA SER A 70 27.07 1.09 11.60
C SER A 70 27.59 0.17 10.54
N GLY A 71 28.84 -0.22 10.72
CA GLY A 71 29.54 -1.13 9.83
C GLY A 71 30.56 -0.38 8.99
N SER A 72 31.40 -1.13 8.27
CA SER A 72 32.35 -0.53 7.36
C SER A 72 32.64 -1.51 6.24
N GLY A 73 33.20 -1.00 5.14
CA GLY A 73 33.63 -1.82 3.99
C GLY A 73 32.49 -2.49 3.22
N THR A 74 32.22 -3.73 3.57
CA THR A 74 31.24 -4.54 2.85
C THR A 74 30.05 -4.92 3.74
N ASP A 75 30.09 -4.59 5.01
CA ASP A 75 29.11 -5.12 5.94
C ASP A 75 28.52 -4.03 6.79
N PHE A 76 27.21 -3.83 6.67
CA PHE A 76 26.52 -2.78 7.44
C PHE A 76 25.32 -3.29 8.24
N ILE A 77 25.16 -2.78 9.43
CA ILE A 77 23.97 -3.09 10.17
C ILE A 77 23.15 -1.86 10.37
N LEU A 78 21.85 -2.02 10.26
CA LEU A 78 20.87 -1.10 10.81
C LEU A 78 20.31 -1.75 12.06
N LYS A 79 20.39 -1.05 13.20
CA LYS A 79 19.83 -1.55 14.46
C LYS A 79 18.72 -0.64 14.97
N ILE A 80 17.51 -1.18 15.06
CA ILE A 80 16.44 -0.50 15.75
C ILE A 80 16.38 -1.10 17.12
N SER A 81 16.87 -0.40 18.14
CA SER A 81 16.71 -0.87 19.51
C SER A 81 15.31 -0.45 20.01
N ARG A 82 14.87 -0.99 21.15
CA ARG A 82 13.53 -0.69 21.68
C ARG A 82 12.44 -0.50 20.59
N VAL A 83 12.21 -1.54 19.78
CA VAL A 83 11.26 -1.49 18.67
C VAL A 83 9.82 -1.06 19.02
N GLU A 84 9.21 -0.26 18.13
CA GLU A 84 7.86 0.29 18.30
C GLU A 84 6.91 -0.04 17.15
N ALA A 85 5.63 0.02 17.47
CA ALA A 85 4.61 -0.42 16.56
C ALA A 85 4.72 0.20 15.19
N GLU A 86 5.21 1.43 15.10
CA GLU A 86 5.21 2.09 13.80
C GLU A 86 6.52 1.94 13.09
N ASP A 87 7.37 1.05 13.58
CA ASP A 87 8.59 0.76 12.85
C ASP A 87 8.37 -0.27 11.77
N LEU A 88 7.23 -0.94 11.87
CA LEU A 88 6.61 -1.75 10.83
C LEU A 88 6.86 -1.14 9.45
N GLY A 89 7.41 -1.92 8.53
CA GLY A 89 7.63 -1.46 7.15
C GLY A 89 8.73 -2.25 6.46
N VAL A 90 9.15 -1.79 5.27
CA VAL A 90 10.26 -2.45 4.60
C VAL A 90 11.49 -1.57 4.59
N TYR A 91 12.62 -2.06 5.10
CA TYR A 91 13.85 -1.27 5.20
C TYR A 91 14.77 -1.59 4.03
N PHE A 92 15.28 -0.57 3.33
CA PHE A 92 16.22 -0.80 2.17
C PHE A 92 17.54 -0.14 2.43
N CYS A 93 18.64 -0.78 2.06
CA CYS A 93 19.90 -0.06 2.08
C CYS A 93 20.18 0.41 0.67
N PHE A 94 20.82 1.57 0.58
CA PHE A 94 21.07 2.19 -0.67
C PHE A 94 22.52 2.62 -0.69
N GLN A 95 23.27 2.13 -1.68
CA GLN A 95 24.64 2.64 -1.92
C GLN A 95 24.76 3.59 -3.11
N SER A 96 25.56 4.64 -2.94
CA SER A 96 25.84 5.51 -4.07
C SER A 96 27.32 5.87 -4.14
N THR A 97 28.16 5.01 -3.56
CA THR A 97 29.61 5.13 -3.71
C THR A 97 30.02 4.84 -5.16
N HIS A 98 29.79 3.59 -5.59
CA HIS A 98 30.08 3.20 -6.95
C HIS A 98 28.88 3.48 -7.83
N PHE A 99 29.15 3.94 -9.06
CA PHE A 99 28.12 4.05 -10.07
C PHE A 99 27.84 2.65 -10.63
N PHE A 100 26.59 2.24 -10.74
CA PHE A 100 25.41 3.06 -10.49
C PHE A 100 24.75 2.75 -9.14
N PRO A 101 24.11 3.75 -8.51
CA PRO A 101 23.51 3.47 -7.22
C PRO A 101 22.53 2.30 -7.25
N THR A 102 22.48 1.52 -6.16
CA THR A 102 21.64 0.33 -6.03
C THR A 102 20.98 0.21 -4.65
N PHE A 103 19.88 -0.53 -4.63
CA PHE A 103 19.15 -0.80 -3.42
C PHE A 103 19.34 -2.26 -3.02
N GLY A 104 19.38 -2.52 -1.72
CA GLY A 104 19.18 -3.88 -1.24
C GLY A 104 17.76 -4.30 -1.60
N GLY A 105 17.43 -5.59 -1.38
CA GLY A 105 16.10 -6.11 -1.67
C GLY A 105 15.06 -5.81 -0.60
N GLY A 106 15.48 -5.24 0.52
CA GLY A 106 14.55 -4.82 1.52
C GLY A 106 14.34 -5.87 2.57
N THR A 107 14.13 -5.44 3.82
CA THR A 107 13.75 -6.37 4.85
C THR A 107 12.41 -5.95 5.42
N LYS A 108 11.48 -6.89 5.49
CA LYS A 108 10.17 -6.58 6.02
C LYS A 108 10.20 -6.80 7.52
N LEU A 109 10.12 -5.73 8.28
CA LEU A 109 10.10 -5.88 9.70
C LEU A 109 8.66 -6.18 10.13
N GLU A 110 8.46 -7.28 10.86
CA GLU A 110 7.15 -7.63 11.36
C GLU A 110 7.13 -7.60 12.88
N ILE A 111 6.06 -7.04 13.43
CA ILE A 111 5.92 -6.93 14.89
C ILE A 111 5.30 -8.19 15.45
N LYS A 112 5.89 -8.69 16.51
CA LYS A 112 5.29 -9.83 17.14
C LYS A 112 4.53 -9.34 18.35
N ARG A 113 3.31 -9.79 18.49
CA ARG A 113 2.55 -9.43 19.68
C ARG A 113 1.71 -10.59 20.20
N THR A 114 1.20 -10.45 21.42
CA THR A 114 0.18 -11.39 21.97
C THR A 114 -1.04 -11.54 21.04
N VAL A 115 -1.48 -12.80 20.95
CA VAL A 115 -2.75 -13.17 20.38
C VAL A 115 -3.86 -12.15 20.70
N ALA A 116 -4.72 -11.89 19.71
CA ALA A 116 -5.90 -10.99 19.88
C ALA A 116 -7.05 -11.51 19.02
N ALA A 117 -8.26 -11.60 19.59
CA ALA A 117 -9.36 -12.29 18.94
C ALA A 117 -10.09 -11.35 18.00
N PRO A 118 -10.58 -11.85 16.85
CA PRO A 118 -11.32 -10.98 15.96
C PRO A 118 -12.70 -10.60 16.43
N SER A 119 -13.07 -9.38 16.07
CA SER A 119 -14.44 -8.90 16.02
C SER A 119 -14.99 -9.32 14.66
N VAL A 120 -16.09 -10.06 14.62
CA VAL A 120 -16.59 -10.57 13.36
C VAL A 120 -17.86 -9.86 12.99
N PHE A 121 -17.98 -9.47 11.73
CA PHE A 121 -19.21 -8.82 11.24
C PHE A 121 -19.78 -9.48 9.97
N ILE A 122 -21.07 -9.31 9.69
CA ILE A 122 -21.56 -9.74 8.37
C ILE A 122 -22.48 -8.71 7.71
N PHE A 123 -22.29 -8.50 6.40
CA PHE A 123 -23.14 -7.58 5.62
C PHE A 123 -23.88 -8.25 4.46
N PRO A 124 -25.22 -8.27 4.51
CA PRO A 124 -25.97 -8.78 3.37
C PRO A 124 -25.67 -7.89 2.16
N PRO A 125 -25.89 -8.40 0.95
CA PRO A 125 -25.80 -7.55 -0.23
C PRO A 125 -26.74 -6.36 -0.18
N SER A 126 -26.37 -5.27 -0.82
CA SER A 126 -27.26 -4.12 -0.90
C SER A 126 -28.36 -4.28 -1.95
N ASP A 127 -29.50 -3.65 -1.70
CA ASP A 127 -30.56 -3.58 -2.72
C ASP A 127 -30.00 -3.15 -4.07
N GLU A 128 -29.26 -2.05 -4.03
CA GLU A 128 -28.65 -1.53 -5.22
C GLU A 128 -27.91 -2.64 -5.98
N GLN A 129 -27.05 -3.38 -5.28
CA GLN A 129 -26.31 -4.46 -5.94
C GLN A 129 -27.20 -5.52 -6.55
N LEU A 130 -28.15 -6.02 -5.78
CA LEU A 130 -29.18 -6.92 -6.32
C LEU A 130 -29.83 -6.41 -7.63
N LYS A 131 -30.30 -5.16 -7.61
CA LYS A 131 -30.90 -4.51 -8.80
C LYS A 131 -30.05 -4.73 -10.06
N SER A 132 -28.73 -4.59 -9.91
CA SER A 132 -27.76 -4.80 -10.99
C SER A 132 -27.53 -6.27 -11.33
N GLY A 133 -27.93 -7.20 -10.46
CA GLY A 133 -27.93 -8.60 -10.84
C GLY A 133 -26.90 -9.54 -10.22
N THR A 134 -26.22 -9.10 -9.16
CA THR A 134 -25.40 -10.01 -8.39
C THR A 134 -25.52 -9.75 -6.93
N ALA A 135 -25.10 -10.74 -6.15
CA ALA A 135 -25.06 -10.64 -4.72
C ALA A 135 -23.62 -10.80 -4.29
N SER A 136 -23.13 -9.91 -3.44
CA SER A 136 -21.88 -10.19 -2.76
C SER A 136 -22.16 -10.16 -1.31
N VAL A 137 -21.75 -11.21 -0.60
CA VAL A 137 -21.81 -11.18 0.86
C VAL A 137 -20.43 -10.98 1.48
N VAL A 138 -20.38 -10.12 2.49
CA VAL A 138 -19.10 -9.76 3.06
C VAL A 138 -19.04 -10.08 4.54
N CYS A 139 -17.93 -10.70 4.90
CA CYS A 139 -17.69 -11.07 6.28
C CYS A 139 -16.41 -10.38 6.71
N LEU A 140 -16.52 -9.59 7.78
CA LEU A 140 -15.40 -8.82 8.31
C LEU A 140 -14.87 -9.37 9.60
N LEU A 141 -13.56 -9.64 9.62
CA LEU A 141 -12.83 -9.92 10.86
C LEU A 141 -11.96 -8.72 11.19
N ASN A 142 -12.28 -8.08 12.32
CA ASN A 142 -11.58 -6.86 12.68
C ASN A 142 -10.58 -7.00 13.83
N ASN A 143 -9.41 -6.39 13.64
CA ASN A 143 -8.37 -6.25 14.69
C ASN A 143 -7.83 -7.50 15.38
N PHE A 144 -7.24 -8.43 14.64
CA PHE A 144 -6.79 -9.70 15.25
C PHE A 144 -5.29 -9.95 15.01
N TYR A 145 -4.74 -10.94 15.74
CA TYR A 145 -3.37 -11.39 15.56
C TYR A 145 -3.34 -12.76 16.16
N PRO A 146 -2.60 -13.70 15.53
CA PRO A 146 -1.82 -13.70 14.29
C PRO A 146 -2.64 -13.64 13.00
N ARG A 147 -1.95 -13.50 11.86
CA ARG A 147 -2.60 -13.45 10.52
C ARG A 147 -3.52 -14.62 10.27
N GLU A 148 -3.09 -15.83 10.65
CA GLU A 148 -3.82 -17.07 10.37
C GLU A 148 -5.26 -17.01 10.89
N ALA A 149 -6.19 -17.30 10.00
CA ALA A 149 -7.61 -17.35 10.38
C ALA A 149 -8.34 -18.21 9.37
N LYS A 150 -9.13 -19.16 9.85
CA LYS A 150 -9.94 -19.98 8.96
C LYS A 150 -11.32 -19.39 8.87
N VAL A 151 -11.70 -18.92 7.69
CA VAL A 151 -13.05 -18.39 7.49
C VAL A 151 -13.84 -19.33 6.59
N GLN A 152 -14.97 -19.83 7.09
CA GLN A 152 -15.79 -20.73 6.31
C GLN A 152 -17.17 -20.15 6.10
N TRP A 153 -17.75 -20.43 4.94
CA TRP A 153 -19.11 -20.00 4.61
C TRP A 153 -20.10 -21.13 4.63
N LYS A 154 -21.17 -20.97 5.40
CA LYS A 154 -22.28 -21.90 5.34
C LYS A 154 -23.43 -21.17 4.71
N VAL A 155 -23.90 -21.71 3.60
CA VAL A 155 -25.10 -21.23 2.94
C VAL A 155 -26.16 -22.27 3.21
N ASP A 156 -27.20 -21.88 3.93
CA ASP A 156 -28.22 -22.83 4.44
C ASP A 156 -27.62 -24.07 5.11
N ASN A 157 -26.57 -23.82 5.89
CA ASN A 157 -25.80 -24.84 6.60
C ASN A 157 -25.08 -25.90 5.75
N ALA A 158 -24.76 -25.52 4.51
CA ALA A 158 -23.87 -26.28 3.63
C ALA A 158 -22.59 -25.49 3.41
N LEU A 159 -21.44 -26.14 3.58
CA LEU A 159 -20.16 -25.50 3.36
C LEU A 159 -19.96 -25.13 1.86
N GLN A 160 -19.20 -24.05 1.61
CA GLN A 160 -18.94 -23.51 0.25
C GLN A 160 -17.52 -23.81 -0.25
N SER A 161 -17.31 -23.71 -1.56
CA SER A 161 -15.93 -23.75 -2.11
C SER A 161 -15.66 -22.74 -3.25
N GLY A 162 -14.41 -22.28 -3.35
CA GLY A 162 -13.87 -21.42 -4.44
C GLY A 162 -14.80 -20.46 -5.18
N ASN A 163 -15.61 -19.76 -4.38
CA ASN A 163 -16.56 -18.78 -4.82
C ASN A 163 -16.54 -17.56 -3.88
N SER A 164 -15.60 -17.57 -2.92
CA SER A 164 -15.25 -16.39 -2.11
C SER A 164 -13.78 -15.99 -2.24
N GLN A 165 -13.41 -14.81 -1.72
CA GLN A 165 -12.06 -14.22 -1.84
C GLN A 165 -11.67 -13.64 -0.50
N GLU A 166 -10.39 -13.73 -0.15
CA GLU A 166 -9.95 -13.10 1.10
C GLU A 166 -9.03 -11.93 0.86
N SER A 167 -9.19 -10.89 1.64
CA SER A 167 -8.19 -9.86 1.64
C SER A 167 -7.77 -9.52 3.04
N VAL A 168 -6.47 -9.34 3.26
CA VAL A 168 -5.95 -8.98 4.58
C VAL A 168 -5.24 -7.68 4.53
N THR A 169 -5.46 -6.83 5.53
CA THR A 169 -4.67 -5.60 5.62
C THR A 169 -3.22 -5.89 6.02
N GLU A 170 -2.37 -4.89 5.88
CA GLU A 170 -1.03 -4.95 6.43
C GLU A 170 -1.15 -4.71 7.93
N GLN A 171 -0.12 -5.04 8.68
CA GLN A 171 -0.19 -4.91 10.13
C GLN A 171 -0.46 -3.48 10.59
N ASP A 172 -1.32 -3.32 11.58
CA ASP A 172 -1.73 -2.00 12.00
C ASP A 172 -0.60 -1.20 12.63
N SER A 173 -0.51 0.08 12.30
CA SER A 173 0.62 0.88 12.76
C SER A 173 0.63 1.32 14.22
N LYS A 174 -0.46 1.06 14.94
CA LYS A 174 -0.57 1.46 16.33
C LYS A 174 -0.68 0.26 17.23
N ASP A 175 -1.42 -0.76 16.81
CA ASP A 175 -1.67 -1.90 17.69
C ASP A 175 -1.25 -3.24 17.10
N SER A 176 -0.84 -3.20 15.84
CA SER A 176 -0.16 -4.29 15.17
C SER A 176 -1.04 -5.49 14.86
N THR A 177 -2.32 -5.24 14.78
CA THR A 177 -3.28 -6.27 14.45
C THR A 177 -3.54 -6.31 12.94
N TYR A 178 -4.33 -7.30 12.51
CA TYR A 178 -4.71 -7.46 11.10
C TYR A 178 -6.20 -7.30 11.03
N SER A 179 -6.67 -7.06 9.83
CA SER A 179 -8.08 -7.11 9.57
C SER A 179 -8.26 -7.86 8.26
N LEU A 180 -9.38 -8.56 8.15
CA LEU A 180 -9.63 -9.38 7.00
C LEU A 180 -11.10 -9.31 6.56
N SER A 181 -11.28 -9.45 5.26
CA SER A 181 -12.58 -9.52 4.64
C SER A 181 -12.70 -10.80 3.78
N SER A 182 -13.78 -11.55 3.98
CA SER A 182 -14.09 -12.67 3.09
C SER A 182 -15.36 -12.35 2.32
N THR A 183 -15.34 -12.50 1.01
CA THR A 183 -16.47 -12.07 0.19
C THR A 183 -17.00 -13.22 -0.63
N LEU A 184 -18.16 -13.74 -0.26
CA LEU A 184 -18.84 -14.72 -1.08
C LEU A 184 -19.60 -14.03 -2.22
N THR A 185 -19.39 -14.44 -3.45
CA THR A 185 -20.03 -13.80 -4.59
C THR A 185 -20.92 -14.77 -5.35
N LEU A 186 -22.23 -14.61 -5.21
CA LEU A 186 -23.17 -15.46 -5.93
C LEU A 186 -23.98 -14.63 -6.95
N SER A 187 -24.59 -15.29 -7.93
CA SER A 187 -25.46 -14.53 -8.81
C SER A 187 -26.77 -14.28 -8.09
N LYS A 188 -27.42 -13.16 -8.37
CA LYS A 188 -28.69 -12.77 -7.73
C LYS A 188 -29.64 -13.96 -7.61
N ALA A 189 -29.77 -14.71 -8.69
CA ALA A 189 -30.63 -15.90 -8.75
C ALA A 189 -30.22 -16.99 -7.75
N ASP A 190 -28.94 -17.36 -7.78
CA ASP A 190 -28.33 -18.26 -6.82
C ASP A 190 -28.58 -17.84 -5.38
N TYR A 191 -28.43 -16.55 -5.12
CA TYR A 191 -28.56 -15.98 -3.78
C TYR A 191 -29.96 -16.18 -3.26
N GLU A 192 -30.94 -15.90 -4.09
CA GLU A 192 -32.33 -16.08 -3.72
C GLU A 192 -32.77 -17.55 -3.59
N LYS A 193 -31.97 -18.50 -4.05
CA LYS A 193 -32.30 -19.93 -3.89
C LYS A 193 -32.16 -20.36 -2.41
N HIS A 194 -31.62 -19.48 -1.58
CA HIS A 194 -31.25 -19.83 -0.21
C HIS A 194 -31.67 -18.77 0.78
N LYS A 195 -31.52 -19.08 2.07
CA LYS A 195 -32.08 -18.24 3.12
C LYS A 195 -31.11 -17.88 4.24
N VAL A 196 -30.24 -18.81 4.63
CA VAL A 196 -29.31 -18.53 5.72
C VAL A 196 -27.91 -18.37 5.18
N TYR A 197 -27.28 -17.27 5.55
CA TYR A 197 -25.92 -16.98 5.13
C TYR A 197 -25.09 -16.71 6.37
N ALA A 198 -23.95 -17.39 6.47
CA ALA A 198 -23.17 -17.45 7.68
C ALA A 198 -21.69 -17.50 7.31
N CYS A 199 -20.85 -16.71 7.97
CA CYS A 199 -19.40 -17.01 8.02
C CYS A 199 -18.99 -17.39 9.43
N GLU A 200 -18.36 -18.56 9.50
CA GLU A 200 -17.79 -19.09 10.72
C GLU A 200 -16.27 -18.93 10.79
N VAL A 201 -15.81 -18.20 11.80
CA VAL A 201 -14.43 -17.87 11.97
C VAL A 201 -13.76 -18.74 13.01
N THR A 202 -12.65 -19.37 12.64
CA THR A 202 -11.81 -20.12 13.56
C THR A 202 -10.49 -19.40 13.69
N HIS A 203 -10.03 -19.22 14.92
CA HIS A 203 -8.84 -18.41 15.16
C HIS A 203 -8.29 -18.61 16.56
N GLN A 204 -6.96 -18.57 16.63
CA GLN A 204 -6.22 -18.82 17.86
C GLN A 204 -6.74 -18.09 19.13
N GLY A 205 -7.32 -16.91 18.95
CA GLY A 205 -7.80 -16.07 20.03
C GLY A 205 -9.15 -16.53 20.51
N LEU A 206 -9.90 -17.22 19.65
CA LEU A 206 -11.22 -17.72 19.98
C LEU A 206 -11.15 -19.11 20.61
N SER A 207 -11.77 -19.27 21.78
CA SER A 207 -11.72 -20.55 22.43
C SER A 207 -12.58 -21.54 21.65
N SER A 208 -13.60 -21.03 20.96
CA SER A 208 -14.33 -21.85 19.97
C SER A 208 -14.91 -21.00 18.84
N PRO A 209 -15.07 -21.59 17.65
CA PRO A 209 -15.44 -20.83 16.45
C PRO A 209 -16.67 -19.94 16.66
N VAL A 210 -16.58 -18.68 16.22
CA VAL A 210 -17.70 -17.73 16.30
C VAL A 210 -18.37 -17.77 14.95
N THR A 211 -19.69 -17.80 14.93
CA THR A 211 -20.45 -17.74 13.69
C THR A 211 -21.29 -16.46 13.65
N LYS A 212 -21.26 -15.77 12.52
CA LYS A 212 -22.15 -14.64 12.28
C LYS A 212 -23.04 -15.00 11.12
N SER A 213 -24.34 -14.68 11.22
CA SER A 213 -25.24 -14.98 10.10
C SER A 213 -26.40 -14.01 9.94
N PHE A 214 -27.13 -14.18 8.85
CA PHE A 214 -28.41 -13.53 8.68
C PHE A 214 -29.34 -14.36 7.78
N ASN A 215 -30.63 -14.09 7.90
CA ASN A 215 -31.62 -14.63 7.01
C ASN A 215 -31.93 -13.60 5.97
N ARG A 216 -32.29 -14.03 4.78
CA ARG A 216 -32.43 -13.12 3.66
C ARG A 216 -33.62 -12.19 3.79
N GLY A 217 -33.43 -10.95 3.32
CA GLY A 217 -34.50 -9.92 3.21
C GLY A 217 -34.85 -9.19 4.51
N GLU A 218 -33.81 -8.78 5.26
CA GLU A 218 -33.99 -8.29 6.64
C GLU A 218 -34.34 -6.78 6.79
N GLN B 1 7.29 23.61 3.34
CA GLN B 1 8.53 22.78 3.36
C GLN B 1 8.76 22.11 2.00
N VAL B 2 9.69 21.18 1.90
CA VAL B 2 9.94 20.48 0.65
C VAL B 2 8.78 19.53 0.33
N GLN B 3 8.26 19.65 -0.88
CA GLN B 3 7.14 18.85 -1.35
C GLN B 3 7.41 18.44 -2.77
N LEU B 4 7.18 17.16 -3.06
CA LEU B 4 7.21 16.69 -4.44
C LEU B 4 5.86 16.04 -4.69
N VAL B 5 5.06 16.61 -5.58
CA VAL B 5 3.71 16.12 -5.77
C VAL B 5 3.63 15.62 -7.21
N GLN B 6 3.51 14.30 -7.40
CA GLN B 6 3.47 13.73 -8.75
C GLN B 6 2.06 13.56 -9.35
N SER B 7 1.96 13.56 -10.67
CA SER B 7 0.70 13.37 -11.38
C SER B 7 0.04 11.97 -11.13
N GLY B 8 -1.26 11.88 -11.44
CA GLY B 8 -2.06 10.67 -11.20
C GLY B 8 -1.70 9.36 -11.91
N PRO B 9 -2.44 8.28 -11.58
CA PRO B 9 -2.39 6.97 -12.23
C PRO B 9 -2.63 6.97 -13.73
N GLU B 10 -1.91 6.11 -14.44
CA GLU B 10 -1.98 6.04 -15.91
C GLU B 10 -2.26 4.61 -16.38
N LEU B 11 -3.06 4.47 -17.44
CA LEU B 11 -3.28 3.17 -18.07
C LEU B 11 -2.92 3.33 -19.53
N LYS B 12 -1.93 2.59 -20.03
CA LYS B 12 -1.48 2.77 -21.41
C LYS B 12 -1.36 1.45 -22.18
N LYS B 13 -1.68 1.45 -23.48
CA LYS B 13 -1.53 0.24 -24.31
C LYS B 13 -0.03 -0.05 -24.46
N PRO B 14 0.33 -1.34 -24.67
CA PRO B 14 1.72 -1.67 -24.94
C PRO B 14 2.16 -0.99 -26.20
N GLY B 15 3.36 -0.42 -26.21
CA GLY B 15 3.84 0.28 -27.41
C GLY B 15 3.62 1.77 -27.38
N GLU B 16 2.70 2.25 -26.54
CA GLU B 16 2.42 3.69 -26.41
C GLU B 16 3.51 4.35 -25.56
N THR B 17 3.52 5.68 -25.51
CA THR B 17 4.42 6.46 -24.66
C THR B 17 3.68 6.92 -23.41
N VAL B 18 4.38 7.08 -22.31
CA VAL B 18 3.83 7.69 -21.10
C VAL B 18 4.78 8.81 -20.64
N LYS B 19 4.21 9.85 -20.04
CA LYS B 19 4.99 10.95 -19.53
C LYS B 19 4.44 11.20 -18.13
N ILE B 20 5.25 10.98 -17.10
CA ILE B 20 4.82 11.23 -15.73
C ILE B 20 5.53 12.46 -15.21
N SER B 21 4.81 13.22 -14.41
CA SER B 21 5.37 14.45 -13.91
C SER B 21 5.44 14.45 -12.38
N CYS B 22 6.17 15.44 -11.86
CA CYS B 22 6.58 15.54 -10.48
C CYS B 22 6.88 17.01 -10.22
N LYS B 23 5.97 17.71 -9.57
CA LYS B 23 6.11 19.16 -9.37
C LYS B 23 6.76 19.42 -8.01
N ALA B 24 7.88 20.15 -7.99
CA ALA B 24 8.60 20.39 -6.73
C ALA B 24 8.31 21.78 -6.17
N SER B 25 8.35 21.92 -4.84
CA SER B 25 8.16 23.24 -4.25
C SER B 25 8.92 23.33 -2.92
N GLY B 26 9.13 24.53 -2.41
CA GLY B 26 9.77 24.67 -1.11
C GLY B 26 11.27 24.49 -1.14
N TYR B 27 11.89 24.74 -2.28
CA TYR B 27 13.32 24.86 -2.33
C TYR B 27 13.75 25.31 -3.71
N MET B 28 14.96 25.89 -3.85
CA MET B 28 15.63 26.05 -5.16
C MET B 28 15.76 24.73 -5.93
N PHE B 29 14.88 24.61 -6.92
CA PHE B 29 14.75 23.47 -7.82
C PHE B 29 16.03 23.14 -8.58
N THR B 30 16.65 24.15 -9.17
CA THR B 30 17.80 23.92 -10.03
C THR B 30 19.02 23.45 -9.23
N ASN B 31 18.95 23.59 -7.91
CA ASN B 31 20.12 23.34 -7.09
C ASN B 31 20.30 21.91 -6.62
N TYR B 32 19.36 21.02 -6.95
CA TYR B 32 19.35 19.67 -6.43
C TYR B 32 19.05 18.68 -7.52
N GLY B 33 19.61 17.48 -7.44
CA GLY B 33 19.34 16.44 -8.43
C GLY B 33 17.88 16.01 -8.36
N MET B 34 17.35 15.50 -9.47
CA MET B 34 16.08 14.78 -9.42
C MET B 34 16.30 13.34 -9.85
N ASN B 35 15.97 12.40 -8.95
CA ASN B 35 16.13 10.94 -9.19
C ASN B 35 14.80 10.28 -9.49
N TRP B 36 14.81 9.18 -10.24
CA TRP B 36 13.58 8.42 -10.46
C TRP B 36 13.78 7.02 -10.06
N VAL B 37 12.85 6.49 -9.29
CA VAL B 37 12.92 5.13 -8.77
C VAL B 37 11.70 4.29 -9.17
N LYS B 38 11.93 3.13 -9.77
CA LYS B 38 10.87 2.21 -10.11
C LYS B 38 10.55 1.19 -9.00
N GLN B 39 9.26 0.94 -8.80
CA GLN B 39 8.81 -0.10 -7.90
C GLN B 39 7.66 -0.91 -8.49
N ALA B 40 8.02 -2.12 -8.94
CA ALA B 40 7.09 -3.15 -9.33
C ALA B 40 6.39 -3.66 -8.08
N PRO B 41 5.10 -4.05 -8.19
CA PRO B 41 4.25 -4.60 -7.09
C PRO B 41 4.97 -5.65 -6.23
N GLY B 42 5.02 -5.38 -4.92
CA GLY B 42 5.68 -6.25 -3.94
C GLY B 42 7.17 -6.50 -4.13
N LYS B 43 7.80 -5.73 -5.03
CA LYS B 43 9.21 -5.92 -5.33
C LYS B 43 10.01 -4.80 -4.63
N ALA B 44 11.34 -4.86 -4.71
CA ALA B 44 12.21 -3.83 -4.15
C ALA B 44 12.31 -2.62 -5.06
N LEU B 45 12.78 -1.51 -4.50
CA LEU B 45 13.02 -0.28 -5.25
C LEU B 45 14.20 -0.42 -6.20
N LYS B 46 14.14 0.28 -7.34
CA LYS B 46 15.21 0.31 -8.35
C LYS B 46 15.50 1.74 -8.76
N TRP B 47 16.78 2.09 -8.75
CA TRP B 47 17.21 3.43 -9.11
C TRP B 47 17.42 3.48 -10.64
N MET B 48 16.58 4.27 -11.32
CA MET B 48 16.61 4.35 -12.78
C MET B 48 17.65 5.31 -13.32
N GLY B 49 17.69 6.51 -12.76
CA GLY B 49 18.73 7.49 -13.06
C GLY B 49 18.37 8.82 -12.43
N TRP B 50 19.10 9.87 -12.81
CA TRP B 50 18.74 11.22 -12.39
C TRP B 50 19.02 12.24 -13.47
N ILE B 51 18.36 13.38 -13.35
CA ILE B 51 18.68 14.51 -14.19
C ILE B 51 19.28 15.62 -13.33
N ASN B 52 20.35 16.22 -13.83
CA ASN B 52 20.97 17.32 -13.17
C ASN B 52 20.36 18.63 -13.67
N PRO B 53 19.43 19.23 -12.92
CA PRO B 53 18.63 20.34 -13.44
C PRO B 53 19.43 21.64 -13.61
N TYR B 54 20.65 21.62 -13.11
CA TYR B 54 21.53 22.76 -13.21
C TYR B 54 22.27 22.66 -14.54
N THR B 55 22.56 21.45 -15.01
CA THR B 55 23.14 21.25 -16.37
C THR B 55 22.18 20.67 -17.45
N GLY B 56 21.01 20.19 -17.02
CA GLY B 56 19.99 19.64 -17.91
C GLY B 56 20.32 18.22 -18.29
N GLU B 57 21.40 17.71 -17.70
CA GLU B 57 22.03 16.46 -18.12
C GLU B 57 21.56 15.16 -17.38
N SER B 58 21.43 14.06 -18.14
CA SER B 58 20.84 12.83 -17.62
C SER B 58 21.81 11.68 -17.54
N THR B 59 21.69 10.91 -16.46
CA THR B 59 22.38 9.64 -16.34
C THR B 59 21.34 8.53 -16.07
N PHE B 60 21.49 7.41 -16.77
CA PHE B 60 20.62 6.28 -16.57
C PHE B 60 21.41 5.07 -16.14
N ALA B 61 20.76 4.26 -15.30
CA ALA B 61 21.32 2.98 -14.91
C ALA B 61 21.14 1.98 -16.06
N ASP B 62 21.99 0.97 -16.11
CA ASP B 62 22.04 0.00 -17.19
C ASP B 62 20.71 -0.47 -17.74
N ASP B 63 19.82 -0.89 -16.85
CA ASP B 63 18.52 -1.37 -17.29
C ASP B 63 17.70 -0.31 -18.02
N PHE B 64 17.83 0.93 -17.61
CA PHE B 64 17.02 1.99 -18.18
C PHE B 64 17.73 2.84 -19.25
N LYS B 65 18.87 2.36 -19.76
CA LYS B 65 19.45 2.86 -21.01
C LYS B 65 18.41 2.47 -22.08
N GLY B 66 17.92 3.40 -22.89
CA GLY B 66 17.03 3.02 -23.98
C GLY B 66 15.73 3.80 -24.11
N ARG B 67 14.66 3.23 -23.61
CA ARG B 67 13.35 3.84 -23.84
C ARG B 67 12.95 4.95 -22.82
N PHE B 68 13.90 5.47 -22.04
CA PHE B 68 13.54 6.35 -20.92
C PHE B 68 14.18 7.71 -21.05
N ALA B 69 13.40 8.75 -20.79
CA ALA B 69 13.93 10.11 -20.81
C ALA B 69 13.51 10.92 -19.55
N PHE B 70 14.36 11.89 -19.15
CA PHE B 70 13.99 12.87 -18.13
C PHE B 70 13.91 14.28 -18.74
N PHE B 71 12.90 15.03 -18.36
CA PHE B 71 12.74 16.36 -18.88
C PHE B 71 12.55 17.32 -17.73
N LEU B 72 12.76 18.62 -17.98
CA LEU B 72 12.61 19.63 -16.92
C LEU B 72 11.74 20.75 -17.40
N GLU B 73 11.13 21.45 -16.46
CA GLU B 73 10.51 22.73 -16.76
C GLU B 73 10.79 23.69 -15.61
N THR B 74 12.04 24.13 -15.57
CA THR B 74 12.55 24.92 -14.48
C THR B 74 11.64 26.07 -14.09
N SER B 75 11.29 26.93 -15.05
CA SER B 75 10.23 27.92 -14.81
C SER B 75 9.10 27.36 -13.90
N ALA B 76 8.52 26.22 -14.25
CA ALA B 76 7.43 25.63 -13.46
C ALA B 76 7.87 24.62 -12.40
N THR B 77 9.19 24.49 -12.19
CA THR B 77 9.79 23.57 -11.20
C THR B 77 9.35 22.09 -11.31
N THR B 78 8.96 21.65 -12.50
CA THR B 78 8.54 20.28 -12.66
C THR B 78 9.57 19.45 -13.37
N ALA B 79 9.70 18.21 -12.93
CA ALA B 79 10.54 17.25 -13.61
C ALA B 79 9.65 16.19 -14.27
N TYR B 80 10.11 15.61 -15.36
CA TYR B 80 9.31 14.58 -15.99
C TYR B 80 10.09 13.32 -16.23
N LEU B 81 9.34 12.23 -16.21
CA LEU B 81 9.81 10.96 -16.72
C LEU B 81 8.96 10.58 -17.94
N GLN B 82 9.62 10.18 -19.01
CA GLN B 82 8.91 9.64 -20.17
C GLN B 82 9.48 8.28 -20.48
N ILE B 83 8.59 7.29 -20.56
CA ILE B 83 8.88 5.91 -20.97
C ILE B 83 8.24 5.75 -22.31
N ASN B 84 8.88 5.09 -23.26
CA ASN B 84 8.17 4.92 -24.50
C ASN B 84 8.33 3.55 -25.09
N ASN B 85 7.46 3.25 -26.06
CA ASN B 85 7.29 1.91 -26.53
C ASN B 85 7.07 0.96 -25.32
N LEU B 86 6.06 1.28 -24.51
CA LEU B 86 5.74 0.56 -23.27
C LEU B 86 5.54 -0.94 -23.38
N LYS B 87 6.04 -1.65 -22.37
CA LYS B 87 5.93 -3.12 -22.24
C LYS B 87 5.23 -3.48 -20.93
N ASN B 88 4.86 -4.74 -20.73
CA ASN B 88 4.22 -5.11 -19.46
C ASN B 88 5.17 -5.01 -18.28
N GLU B 89 6.46 -5.12 -18.56
CA GLU B 89 7.53 -5.02 -17.58
C GLU B 89 7.57 -3.60 -16.97
N ASP B 90 6.99 -2.62 -17.66
CA ASP B 90 6.94 -1.25 -17.15
C ASP B 90 5.83 -0.98 -16.19
N THR B 91 4.81 -1.86 -16.12
CA THR B 91 3.76 -1.71 -15.12
C THR B 91 4.40 -1.71 -13.77
N ALA B 92 4.23 -0.60 -13.03
CA ALA B 92 4.99 -0.33 -11.80
C ALA B 92 4.61 1.01 -11.17
N THR B 93 5.16 1.30 -10.00
CA THR B 93 5.03 2.62 -9.39
C THR B 93 6.33 3.41 -9.60
N TYR B 94 6.24 4.67 -10.01
CA TYR B 94 7.43 5.43 -10.32
C TYR B 94 7.53 6.56 -9.31
N PHE B 95 8.73 6.76 -8.75
CA PHE B 95 8.96 7.76 -7.73
C PHE B 95 10.02 8.72 -8.20
N CYS B 96 9.76 10.02 -8.04
CA CYS B 96 10.83 11.00 -8.10
C CYS B 96 11.27 11.26 -6.65
N ALA B 97 12.55 11.60 -6.48
CA ALA B 97 13.09 11.82 -5.18
C ALA B 97 14.21 12.85 -5.26
N ARG B 98 14.11 13.91 -4.45
CA ARG B 98 15.13 14.95 -4.47
C ARG B 98 16.50 14.36 -4.15
N GLY B 99 17.47 14.72 -4.98
CA GLY B 99 18.84 14.26 -4.78
C GLY B 99 19.62 15.30 -4.01
N THR B 100 19.74 15.11 -2.70
CA THR B 100 20.59 15.97 -1.88
C THR B 100 22.10 15.65 -2.09
N THR B 101 22.69 16.46 -2.95
CA THR B 101 23.97 16.18 -3.55
C THR B 101 25.14 16.25 -2.54
N ILE B 102 24.89 16.88 -1.39
CA ILE B 102 25.96 17.10 -0.41
C ILE B 102 26.40 15.81 0.28
N VAL B 103 25.48 14.82 0.29
CA VAL B 103 25.73 13.48 0.83
C VAL B 103 25.29 12.34 -0.10
N TRP B 104 25.01 12.67 -1.36
CA TRP B 104 24.73 11.69 -2.41
C TRP B 104 23.60 10.75 -2.05
N ALA B 105 22.48 11.33 -1.61
CA ALA B 105 21.31 10.54 -1.22
C ALA B 105 20.04 11.32 -1.52
N MET B 106 18.96 10.62 -1.83
CA MET B 106 17.64 11.23 -2.04
C MET B 106 17.04 11.47 -0.67
N ASP B 107 16.42 12.63 -0.46
CA ASP B 107 15.89 12.94 0.87
C ASP B 107 14.36 13.12 0.94
N TYR B 108 13.78 13.70 -0.09
CA TYR B 108 12.36 13.87 -0.11
C TYR B 108 11.85 13.16 -1.32
N TRP B 109 10.77 12.40 -1.15
CA TRP B 109 10.23 11.60 -2.22
C TRP B 109 8.80 11.99 -2.56
N GLY B 110 8.45 11.90 -3.84
CA GLY B 110 7.06 12.14 -4.25
C GLY B 110 6.21 10.97 -3.79
N GLN B 111 4.90 11.09 -3.96
CA GLN B 111 4.01 10.07 -3.42
C GLN B 111 3.93 8.80 -4.30
N GLY B 112 4.42 8.88 -5.53
CA GLY B 112 4.41 7.72 -6.36
C GLY B 112 3.33 7.80 -7.40
N THR B 113 3.67 7.45 -8.63
CA THR B 113 2.74 7.40 -9.72
C THR B 113 2.69 5.97 -10.24
N SER B 114 1.48 5.44 -10.34
CA SER B 114 1.23 4.05 -10.73
C SER B 114 0.83 3.90 -12.20
N VAL B 115 1.61 3.16 -12.97
CA VAL B 115 1.36 3.05 -14.41
C VAL B 115 1.03 1.62 -14.79
N THR B 116 -0.14 1.38 -15.37
CA THR B 116 -0.44 0.05 -15.84
C THR B 116 -0.33 0.03 -17.32
N VAL B 117 0.39 -0.95 -17.83
CA VAL B 117 0.43 -1.17 -19.27
C VAL B 117 -0.47 -2.38 -19.54
N SER B 118 -1.50 -2.21 -20.35
CA SER B 118 -2.42 -3.30 -20.65
C SER B 118 -3.10 -3.07 -21.97
N SER B 119 -3.38 -4.16 -22.70
CA SER B 119 -4.15 -4.08 -23.94
C SER B 119 -5.63 -3.80 -23.68
N ALA B 120 -6.03 -3.88 -22.41
CA ALA B 120 -7.43 -3.84 -22.01
C ALA B 120 -7.90 -2.45 -21.64
N SER B 121 -9.22 -2.25 -21.61
CA SER B 121 -9.81 -0.91 -21.47
C SER B 121 -10.25 -0.57 -20.06
N THR B 122 -10.03 0.67 -19.66
CA THR B 122 -10.45 1.03 -18.34
C THR B 122 -11.91 0.72 -18.09
N LYS B 123 -12.16 0.23 -16.91
CA LYS B 123 -13.48 -0.15 -16.44
C LYS B 123 -13.64 0.43 -15.02
N GLY B 124 -14.72 1.18 -14.80
CA GLY B 124 -14.91 1.93 -13.56
C GLY B 124 -15.77 1.15 -12.57
N PRO B 125 -15.60 1.44 -11.26
CA PRO B 125 -16.19 0.59 -10.22
C PRO B 125 -17.66 0.87 -10.05
N SER B 126 -18.38 -0.06 -9.43
CA SER B 126 -19.68 0.21 -8.87
C SER B 126 -19.51 0.23 -7.37
N VAL B 127 -20.26 1.09 -6.68
CA VAL B 127 -20.07 1.23 -5.23
C VAL B 127 -21.33 0.93 -4.47
N PHE B 128 -21.23 0.05 -3.49
CA PHE B 128 -22.43 -0.41 -2.79
C PHE B 128 -22.31 -0.23 -1.30
N PRO B 129 -23.37 0.29 -0.65
CA PRO B 129 -23.23 0.42 0.78
C PRO B 129 -23.14 -0.97 1.44
N LEU B 130 -22.13 -1.16 2.28
CA LEU B 130 -22.07 -2.28 3.22
C LEU B 130 -22.64 -1.69 4.47
N ALA B 131 -23.94 -1.92 4.67
CA ALA B 131 -24.76 -1.19 5.61
C ALA B 131 -24.71 -1.81 7.02
N PRO B 132 -24.58 -0.94 8.07
CA PRO B 132 -24.37 -1.40 9.45
C PRO B 132 -25.59 -2.12 9.95
N SER B 133 -25.38 -3.10 10.83
CA SER B 133 -26.48 -3.96 11.30
C SER B 133 -26.89 -3.71 12.76
N SER B 134 -25.99 -3.09 13.52
CA SER B 134 -26.26 -2.77 14.93
C SER B 134 -27.26 -1.61 15.04
N LYS B 135 -28.41 -1.90 15.66
CA LYS B 135 -29.41 -0.86 15.96
C LYS B 135 -28.80 0.19 16.90
N SER B 136 -28.87 1.47 16.50
CA SER B 136 -28.36 2.59 17.33
C SER B 136 -28.76 2.53 18.82
N THR B 137 -29.87 1.85 19.09
CA THR B 137 -30.43 1.71 20.43
C THR B 137 -29.44 1.05 21.41
N SER B 138 -28.75 -0.01 20.97
CA SER B 138 -27.85 -0.78 21.85
C SER B 138 -26.38 -0.31 21.81
N GLY B 139 -25.52 -0.96 22.59
CA GLY B 139 -24.10 -0.57 22.78
C GLY B 139 -23.03 -1.22 21.91
N GLY B 140 -21.76 -0.97 22.26
CA GLY B 140 -20.62 -1.51 21.52
C GLY B 140 -20.27 -0.64 20.34
N THR B 141 -19.48 -1.20 19.42
CA THR B 141 -19.08 -0.49 18.23
C THR B 141 -19.76 -1.18 17.06
N ALA B 142 -20.30 -0.41 16.13
CA ALA B 142 -20.90 -0.96 14.91
C ALA B 142 -19.97 -0.84 13.69
N ALA B 143 -20.06 -1.78 12.75
CA ALA B 143 -19.22 -1.72 11.55
C ALA B 143 -19.99 -1.43 10.25
N LEU B 144 -19.34 -0.74 9.31
CA LEU B 144 -19.95 -0.35 8.04
C LEU B 144 -18.95 -0.05 6.94
N GLY B 145 -19.42 0.01 5.69
CA GLY B 145 -18.52 0.37 4.60
C GLY B 145 -19.04 0.42 3.17
N CYS B 146 -18.10 0.30 2.25
CA CYS B 146 -18.34 0.38 0.81
C CYS B 146 -17.70 -0.78 0.13
N LEU B 147 -18.46 -1.44 -0.74
CA LEU B 147 -17.95 -2.44 -1.65
C LEU B 147 -17.67 -1.80 -2.99
N VAL B 148 -16.39 -1.57 -3.28
CA VAL B 148 -15.95 -0.99 -4.55
C VAL B 148 -15.67 -2.15 -5.54
N LYS B 149 -16.63 -2.37 -6.43
CA LYS B 149 -16.67 -3.61 -7.21
C LYS B 149 -16.45 -3.44 -8.72
N ASP B 150 -15.74 -4.40 -9.32
CA ASP B 150 -15.60 -4.59 -10.79
C ASP B 150 -14.94 -3.43 -11.54
N TYR B 151 -13.69 -3.15 -11.21
CA TYR B 151 -12.95 -2.09 -11.90
C TYR B 151 -11.55 -2.51 -12.46
N PHE B 152 -11.05 -1.75 -13.42
CA PHE B 152 -9.72 -1.97 -13.97
C PHE B 152 -9.26 -0.68 -14.58
N PRO B 153 -7.99 -0.29 -14.35
CA PRO B 153 -7.00 -0.92 -13.55
C PRO B 153 -6.98 -0.33 -12.15
N GLU B 154 -6.09 -0.89 -11.32
CA GLU B 154 -5.63 -0.34 -10.06
C GLU B 154 -4.91 1.00 -10.26
N PRO B 155 -5.02 1.94 -9.31
CA PRO B 155 -5.75 1.97 -8.03
C PRO B 155 -7.07 2.73 -8.07
N VAL B 156 -7.90 2.49 -7.05
CA VAL B 156 -9.02 3.37 -6.68
C VAL B 156 -8.66 3.95 -5.33
N THR B 157 -9.22 5.12 -5.02
CA THR B 157 -8.93 5.86 -3.80
C THR B 157 -10.19 6.04 -2.99
N VAL B 158 -10.21 5.45 -1.79
CA VAL B 158 -11.38 5.58 -0.93
C VAL B 158 -11.11 6.53 0.24
N SER B 159 -12.00 7.49 0.48
CA SER B 159 -11.93 8.23 1.75
C SER B 159 -13.31 8.25 2.43
N TRP B 160 -13.41 8.72 3.67
CA TRP B 160 -14.72 8.76 4.31
C TRP B 160 -15.03 10.13 4.76
N ASN B 161 -16.25 10.57 4.48
CA ASN B 161 -16.67 11.92 4.81
C ASN B 161 -15.61 12.91 4.35
N SER B 162 -15.26 12.80 3.06
CA SER B 162 -14.26 13.66 2.44
C SER B 162 -12.97 13.73 3.24
N GLY B 163 -12.43 12.56 3.58
CA GLY B 163 -11.17 12.46 4.31
C GLY B 163 -11.11 13.04 5.72
N ALA B 164 -12.27 13.34 6.30
CA ALA B 164 -12.29 13.84 7.66
C ALA B 164 -12.78 12.77 8.64
N LEU B 165 -12.83 11.52 8.18
CA LEU B 165 -12.97 10.37 9.08
C LEU B 165 -11.92 9.38 8.63
N THR B 166 -10.88 9.26 9.45
CA THR B 166 -9.72 8.40 9.18
C THR B 166 -9.53 7.34 10.27
N SER B 167 -9.81 7.71 11.52
CA SER B 167 -9.74 6.77 12.61
C SER B 167 -10.72 5.63 12.46
N GLY B 168 -10.23 4.41 12.58
CA GLY B 168 -11.06 3.21 12.55
C GLY B 168 -11.37 2.67 11.16
N VAL B 169 -10.59 3.10 10.16
CA VAL B 169 -10.90 2.79 8.76
C VAL B 169 -9.94 1.76 8.21
N HIS B 170 -10.44 0.77 7.46
CA HIS B 170 -9.61 -0.23 6.84
C HIS B 170 -10.01 -0.37 5.41
N THR B 171 -9.13 0.03 4.51
CA THR B 171 -9.40 -0.16 3.11
C THR B 171 -8.61 -1.36 2.66
N PHE B 172 -9.28 -2.40 2.21
CA PHE B 172 -8.58 -3.64 1.88
C PHE B 172 -7.78 -3.61 0.56
N PRO B 173 -6.68 -4.37 0.48
CA PRO B 173 -6.02 -4.57 -0.79
C PRO B 173 -7.02 -4.98 -1.82
N ALA B 174 -6.88 -4.49 -3.04
CA ALA B 174 -7.71 -5.02 -4.11
C ALA B 174 -7.41 -6.51 -4.38
N VAL B 175 -8.45 -7.24 -4.81
CA VAL B 175 -8.34 -8.62 -5.16
C VAL B 175 -9.04 -8.86 -6.48
N LEU B 176 -8.50 -9.81 -7.23
CA LEU B 176 -8.99 -10.21 -8.55
C LEU B 176 -10.04 -11.30 -8.45
N GLN B 177 -10.95 -11.32 -9.40
CA GLN B 177 -11.77 -12.50 -9.55
C GLN B 177 -11.69 -12.99 -10.98
N SER B 178 -12.37 -14.08 -11.27
CA SER B 178 -12.25 -14.71 -12.58
C SER B 178 -12.68 -13.78 -13.70
N SER B 179 -13.42 -12.74 -13.36
CA SER B 179 -13.83 -11.78 -14.35
C SER B 179 -12.66 -11.00 -14.99
N GLY B 180 -11.48 -11.01 -14.37
CA GLY B 180 -10.36 -10.22 -14.82
C GLY B 180 -10.34 -8.84 -14.17
N LEU B 181 -11.27 -8.63 -13.25
CA LEU B 181 -11.41 -7.32 -12.63
C LEU B 181 -11.20 -7.34 -11.15
N TYR B 182 -10.89 -6.15 -10.65
CA TYR B 182 -10.64 -5.93 -9.24
C TYR B 182 -11.89 -5.57 -8.43
N SER B 183 -11.84 -5.91 -7.14
CA SER B 183 -12.80 -5.49 -6.15
C SER B 183 -12.11 -5.24 -4.82
N LEU B 184 -12.59 -4.26 -4.07
CA LEU B 184 -12.25 -4.20 -2.65
C LEU B 184 -13.36 -3.63 -1.81
N SER B 185 -13.11 -3.61 -0.50
CA SER B 185 -14.02 -3.01 0.48
C SER B 185 -13.25 -2.08 1.36
N SER B 186 -13.90 -1.00 1.74
CA SER B 186 -13.38 -0.14 2.76
C SER B 186 -14.38 -0.24 3.85
N VAL B 187 -13.93 -0.61 5.03
CA VAL B 187 -14.81 -0.64 6.19
C VAL B 187 -14.37 0.35 7.25
N VAL B 188 -15.32 0.78 8.08
CA VAL B 188 -15.01 1.58 9.28
C VAL B 188 -15.82 1.15 10.47
N THR B 189 -15.25 1.28 11.67
CA THR B 189 -15.95 1.02 12.93
C THR B 189 -16.31 2.36 13.56
N VAL B 190 -17.49 2.41 14.17
CA VAL B 190 -18.01 3.64 14.77
C VAL B 190 -18.93 3.28 15.92
N PRO B 191 -19.02 4.16 16.93
CA PRO B 191 -19.96 3.91 18.04
C PRO B 191 -21.40 3.79 17.50
N SER B 192 -22.10 2.74 17.91
CA SER B 192 -23.44 2.48 17.36
C SER B 192 -24.38 3.62 17.75
N SER B 193 -24.01 4.32 18.81
CA SER B 193 -24.79 5.44 19.32
C SER B 193 -24.95 6.54 18.29
N SER B 194 -23.99 6.69 17.40
CA SER B 194 -23.94 7.82 16.47
C SER B 194 -24.53 7.56 15.07
N LEU B 195 -24.93 6.32 14.77
CA LEU B 195 -25.55 5.99 13.47
C LEU B 195 -26.87 6.74 13.27
N GLY B 196 -27.51 7.11 14.36
CA GLY B 196 -28.70 7.93 14.32
C GLY B 196 -28.38 9.36 14.75
N THR B 197 -27.12 9.74 14.56
CA THR B 197 -26.66 11.10 14.85
C THR B 197 -26.29 11.75 13.53
N GLN B 198 -25.36 11.11 12.83
CA GLN B 198 -24.72 11.77 11.72
C GLN B 198 -24.35 10.77 10.65
N THR B 199 -24.10 11.31 9.47
CA THR B 199 -24.07 10.54 8.26
C THR B 199 -22.66 10.06 7.91
N TYR B 200 -22.61 9.04 7.06
CA TYR B 200 -21.37 8.41 6.63
C TYR B 200 -21.39 8.23 5.14
N ILE B 201 -20.50 8.96 4.47
CA ILE B 201 -20.36 8.93 3.03
C ILE B 201 -18.99 8.37 2.70
N CYS B 202 -18.92 7.40 1.80
CA CYS B 202 -17.61 7.02 1.34
C CYS B 202 -17.39 7.60 -0.03
N ASN B 203 -16.19 8.12 -0.25
CA ASN B 203 -15.87 8.87 -1.44
C ASN B 203 -14.81 8.12 -2.21
N VAL B 204 -15.22 7.53 -3.33
CA VAL B 204 -14.36 6.69 -4.15
C VAL B 204 -13.98 7.40 -5.43
N ASN B 205 -12.69 7.63 -5.64
CA ASN B 205 -12.21 8.16 -6.87
C ASN B 205 -11.47 7.04 -7.61
N HIS B 206 -11.79 6.81 -8.88
CA HIS B 206 -10.99 5.93 -9.75
C HIS B 206 -10.55 6.71 -10.98
N LYS B 207 -9.29 7.16 -11.01
CA LYS B 207 -8.90 8.19 -12.01
C LYS B 207 -8.68 7.77 -13.47
N PRO B 208 -8.21 6.54 -13.72
CA PRO B 208 -8.09 6.12 -15.12
C PRO B 208 -9.42 6.07 -15.90
N SER B 209 -10.54 5.98 -15.19
CA SER B 209 -11.90 5.98 -15.81
C SER B 209 -12.72 7.23 -15.49
N ASN B 210 -12.16 8.13 -14.68
CA ASN B 210 -12.79 9.40 -14.36
C ASN B 210 -14.12 9.25 -13.66
N THR B 211 -14.20 8.31 -12.74
CA THR B 211 -15.38 8.18 -11.90
C THR B 211 -15.02 8.74 -10.54
N LYS B 212 -15.75 9.74 -10.08
CA LYS B 212 -15.71 10.15 -8.67
C LYS B 212 -17.09 9.76 -8.14
N VAL B 213 -17.17 8.98 -7.07
CA VAL B 213 -18.47 8.63 -6.51
C VAL B 213 -18.53 8.82 -5.01
N ASP B 214 -19.71 9.25 -4.55
CA ASP B 214 -20.03 9.38 -3.13
C ASP B 214 -21.19 8.46 -2.83
N LYS B 215 -21.08 7.70 -1.75
CA LYS B 215 -22.14 6.79 -1.37
C LYS B 215 -22.55 6.99 0.07
N LYS B 216 -23.84 7.22 0.30
CA LYS B 216 -24.34 7.33 1.64
C LYS B 216 -24.64 5.94 2.16
N VAL B 217 -23.91 5.58 3.21
CA VAL B 217 -24.02 4.27 3.81
C VAL B 217 -24.98 4.44 4.99
N GLU B 218 -26.04 3.62 5.02
CA GLU B 218 -27.05 3.75 6.09
C GLU B 218 -27.96 2.52 6.21
N PRO B 219 -28.53 2.28 7.42
CA PRO B 219 -29.46 1.19 7.82
C PRO B 219 -30.42 0.61 6.76
S SO4 C . -38.45 -12.90 0.14
S SO4 C . -40.87 -9.10 -0.76
O1 SO4 C . -39.20 -11.75 0.64
O1 SO4 C . -41.67 -9.32 -1.97
O2 SO4 C . -37.07 -12.78 0.64
O2 SO4 C . -40.20 -7.80 -0.88
O3 SO4 C . -38.48 -12.91 -1.33
O3 SO4 C . -39.85 -10.13 -0.58
O4 SO4 C . -39.03 -14.17 0.61
O4 SO4 C . -41.78 -9.07 0.41
S SO4 D . 15.20 -14.98 5.47
O1 SO4 D . 13.98 -14.24 5.15
O2 SO4 D . 15.02 -16.39 5.10
O3 SO4 D . 15.44 -14.95 6.91
O4 SO4 D . 16.35 -14.41 4.76
S SO4 E . 8.66 27.77 -3.29
O1 SO4 E . 7.80 26.82 -3.99
O2 SO4 E . 8.34 29.11 -3.78
O3 SO4 E . 10.08 27.49 -3.53
O4 SO4 E . 8.41 27.74 -1.84
S SO4 F . -1.75 -7.98 -21.88
O1 SO4 F . -1.17 -9.00 -20.98
O2 SO4 F . -2.76 -7.06 -21.31
O3 SO4 F . -2.38 -8.67 -23.00
O4 SO4 F . -0.66 -7.15 -22.42
S SO4 G . 14.35 -3.19 -22.87
O1 SO4 G . 13.74 -2.17 -23.73
O2 SO4 G . 14.84 -4.28 -23.71
O3 SO4 G . 13.39 -3.72 -21.89
O4 SO4 G . 15.48 -2.64 -22.13
S SO4 H . 12.31 25.92 -18.86
O1 SO4 H . 11.11 25.93 -18.04
O2 SO4 H . 12.08 26.86 -19.96
O3 SO4 H . 12.59 24.57 -19.36
O4 SO4 H . 13.47 26.35 -18.09
S SO4 I . -3.26 14.44 -12.18
O1 SO4 I . -4.30 13.48 -11.78
O2 SO4 I . -3.86 15.65 -12.77
O3 SO4 I . -2.37 13.87 -13.19
O4 SO4 I . -2.54 14.82 -10.99
S SO4 J . -26.96 7.48 -2.50
O1 SO4 J . -26.11 6.92 -1.44
O2 SO4 J . -26.27 7.40 -3.79
O3 SO4 J . -27.23 8.87 -2.13
O4 SO4 J . -28.21 6.74 -2.58
S SO4 K . -17.36 2.10 -17.40
O1 SO4 K . -15.99 2.54 -17.17
O2 SO4 K . -17.72 2.44 -18.78
O3 SO4 K . -18.24 2.81 -16.46
O4 SO4 K . -17.49 0.64 -17.21
S SO4 L . -10.17 2.16 -25.40
O1 SO4 L . -8.94 1.62 -24.82
O2 SO4 L . -9.77 3.26 -26.30
O3 SO4 L . -11.07 2.65 -24.34
O4 SO4 L . -10.87 1.15 -26.18
S SO4 M . 17.46 26.32 -0.99
O1 SO4 M . 16.13 26.28 -1.58
O2 SO4 M . 18.12 27.55 -1.42
O3 SO4 M . 18.26 25.15 -1.42
O4 SO4 M . 17.35 26.32 0.47
S SO4 N . -14.27 -16.60 -9.03
O1 SO4 N . -12.86 -16.20 -9.12
O2 SO4 N . -15.04 -15.40 -8.72
O3 SO4 N . -14.46 -17.69 -8.04
O4 SO4 N . -14.72 -17.10 -10.32
S SO4 O . 13.30 -7.44 -6.69
O1 SO4 O . 12.87 -6.25 -7.42
O2 SO4 O . 13.81 -8.39 -7.68
O3 SO4 O . 12.15 -7.97 -5.99
O4 SO4 O . 14.33 -7.13 -5.70
C1 STR P . 23.39 9.60 -5.94
C2 STR P . 21.90 9.33 -5.87
C3 STR P . 21.26 10.58 -5.36
O3 STR P . 20.29 10.48 -4.64
C4 STR P . 21.83 11.91 -5.72
C5 STR P . 22.90 11.97 -6.51
C6 STR P . 23.34 13.30 -7.03
C7 STR P . 24.87 13.42 -7.00
C8 STR P . 25.56 12.26 -7.68
C9 STR P . 25.19 10.96 -6.93
C10 STR P . 23.68 10.72 -6.91
C11 STR P . 25.95 9.72 -7.44
C12 STR P . 27.46 9.90 -7.60
C13 STR P . 27.75 11.21 -8.34
C14 STR P . 27.07 12.40 -7.65
C15 STR P . 27.74 13.66 -8.17
C16 STR P . 29.15 13.20 -8.55
C17 STR P . 29.19 11.71 -8.19
C18 STR P . 27.31 11.04 -9.82
C19 STR P . 23.17 10.36 -8.32
C20 STR P . 30.22 10.89 -8.94
O20 STR P . 30.94 11.47 -9.72
C21 STR P . 30.35 9.41 -8.70
#